data_4YDY
#
_entry.id   4YDY
#
_cell.length_a   55.250
_cell.length_b   113.660
_cell.length_c   117.060
_cell.angle_alpha   90.00
_cell.angle_beta   90.00
_cell.angle_gamma   90.00
#
_symmetry.space_group_name_H-M   'P 21 21 21'
#
loop_
_entity.id
_entity.type
_entity.pdbx_description
1 polymer 'DARPIN 44C12V5'
2 polymer Interleukin-4
3 non-polymer GLYCEROL
4 non-polymer 'ACETATE ION'
5 water water
#
loop_
_entity_poly.entity_id
_entity_poly.type
_entity_poly.pdbx_seq_one_letter_code
_entity_poly.pdbx_strand_id
1 'polypeptide(L)'
;MRGSHHHHHHGSDLGKKLLEAARAGQDDEVRILMANGADVNALDDSGYTPLHLAAEDGHLEIVEVLLKHGADVNAADRLG
DTPLHLAAFVGHLEIVEVLLKAGADVNAVDLAGVTPLHVAAFYGHLEIVEVLLKAGADVNAQDKFGKTPADIAADNGHED
IAEVLQKLN
;
A,B
2 'polypeptide(L)'
;MHKCDITLQEIIKTLNSLTEQKTLCTELTVTDIFAASKNTTEKETFCRAATVLRQFYSHHEKDTRCLGATAQQFHRHKQL
IRFLKRLDRNLWGLAGLNSCPVKEANQSTLENFLERLKTIMREKYSKCSS
;
I,J
#
loop_
_chem_comp.id
_chem_comp.type
_chem_comp.name
_chem_comp.formula
ACT non-polymer 'ACETATE ION' 'C2 H3 O2 -1'
GOL non-polymer GLYCEROL 'C3 H8 O3'
#
# COMPACT_ATOMS: atom_id res chain seq x y z
N SER A 12 11.09 -26.55 -31.87
CA SER A 12 12.10 -25.76 -32.64
C SER A 12 12.90 -24.82 -31.74
N ASP A 13 14.21 -24.77 -31.99
CA ASP A 13 15.11 -23.86 -31.28
C ASP A 13 14.79 -22.39 -31.60
N LEU A 14 14.50 -22.11 -32.87
CA LEU A 14 14.14 -20.74 -33.30
C LEU A 14 12.84 -20.29 -32.64
N GLY A 15 11.90 -21.22 -32.48
CA GLY A 15 10.64 -20.97 -31.79
C GLY A 15 10.85 -20.55 -30.35
N LYS A 16 11.67 -21.31 -29.63
CA LYS A 16 12.04 -21.01 -28.25
C LYS A 16 12.76 -19.67 -28.11
N LYS A 17 13.66 -19.37 -29.05
CA LYS A 17 14.37 -18.08 -29.05
C LYS A 17 13.42 -16.91 -29.29
N LEU A 18 12.42 -17.12 -30.16
CA LEU A 18 11.44 -16.06 -30.45
C LEU A 18 10.54 -15.77 -29.27
N LEU A 19 10.04 -16.84 -28.64
CA LEU A 19 9.28 -16.72 -27.39
C LEU A 19 10.03 -15.90 -26.35
N GLU A 20 11.32 -16.20 -26.17
CA GLU A 20 12.17 -15.47 -25.22
C GLU A 20 12.39 -14.00 -25.61
N ALA A 21 12.67 -13.76 -26.89
CA ALA A 21 12.84 -12.41 -27.42
C ALA A 21 11.58 -11.54 -27.29
N ALA A 22 10.41 -12.15 -27.50
CA ALA A 22 9.12 -11.46 -27.36
C ALA A 22 8.81 -11.12 -25.90
N ARG A 23 9.08 -12.06 -25.00
CA ARG A 23 8.92 -11.84 -23.57
C ARG A 23 9.87 -10.72 -23.08
N ALA A 24 11.10 -10.73 -23.56
CA ALA A 24 12.13 -9.77 -23.12
C ALA A 24 12.04 -8.39 -23.78
N GLY A 25 11.24 -8.26 -24.83
CA GLY A 25 11.08 -6.99 -25.53
C GLY A 25 12.23 -6.63 -26.46
N GLN A 26 12.88 -7.65 -27.01
CA GLN A 26 14.01 -7.49 -27.92
C GLN A 26 13.51 -7.40 -29.36
N ASP A 27 13.10 -6.19 -29.76
CA ASP A 27 12.45 -5.94 -31.05
C ASP A 27 13.27 -6.41 -32.24
N ASP A 28 14.55 -6.03 -32.25
CA ASP A 28 15.47 -6.41 -33.31
C ASP A 28 15.61 -7.92 -33.42
N GLU A 29 15.76 -8.58 -32.28
CA GLU A 29 15.93 -10.03 -32.24
C GLU A 29 14.66 -10.74 -32.71
N VAL A 30 13.50 -10.21 -32.31
CA VAL A 30 12.21 -10.75 -32.76
C VAL A 30 12.17 -10.77 -34.30
N ARG A 31 12.54 -9.67 -34.92
CA ARG A 31 12.48 -9.54 -36.38
C ARG A 31 13.50 -10.44 -37.10
N ILE A 32 14.68 -10.59 -36.51
CA ILE A 32 15.74 -11.44 -37.07
C ILE A 32 15.33 -12.91 -37.06
N LEU A 33 14.82 -13.35 -35.91
CA LEU A 33 14.34 -14.73 -35.73
C LEU A 33 13.22 -15.08 -36.71
N MET A 34 12.23 -14.20 -36.81
CA MET A 34 11.14 -14.37 -37.76
C MET A 34 11.63 -14.44 -39.21
N ALA A 35 12.57 -13.57 -39.58
CA ALA A 35 13.16 -13.60 -40.92
C ALA A 35 13.95 -14.88 -41.16
N ASN A 36 14.62 -15.36 -40.10
CA ASN A 36 15.45 -16.57 -40.15
C ASN A 36 14.70 -17.91 -40.07
N GLY A 37 13.43 -17.89 -39.75
CA GLY A 37 12.64 -19.12 -39.79
C GLY A 37 11.75 -19.43 -38.60
N ALA A 38 11.79 -18.61 -37.57
CA ALA A 38 10.93 -18.81 -36.40
C ALA A 38 9.44 -18.71 -36.76
N ASP A 39 8.64 -19.62 -36.22
CA ASP A 39 7.19 -19.62 -36.40
C ASP A 39 6.60 -18.55 -35.49
N VAL A 40 5.88 -17.59 -36.09
CA VAL A 40 5.21 -16.52 -35.34
C VAL A 40 4.21 -17.07 -34.30
N ASN A 41 3.74 -18.29 -34.54
CA ASN A 41 2.79 -18.96 -33.65
C ASN A 41 3.43 -20.09 -32.84
N ALA A 42 4.74 -19.99 -32.60
CA ALA A 42 5.47 -20.93 -31.74
C ALA A 42 4.78 -21.12 -30.39
N LEU A 43 4.70 -22.37 -29.93
CA LEU A 43 4.04 -22.72 -28.68
C LEU A 43 5.02 -23.26 -27.65
N ASP A 44 4.92 -22.77 -26.41
CA ASP A 44 5.63 -23.42 -25.31
C ASP A 44 4.75 -24.49 -24.65
N ASP A 45 5.27 -25.17 -23.64
CA ASP A 45 4.57 -26.29 -23.00
C ASP A 45 3.34 -25.88 -22.19
N SER A 46 3.17 -24.57 -21.98
CA SER A 46 2.01 -24.03 -21.31
C SER A 46 1.04 -23.39 -22.30
N GLY A 47 1.37 -23.50 -23.59
CA GLY A 47 0.51 -22.98 -24.65
C GLY A 47 0.64 -21.50 -24.97
N TYR A 48 1.64 -20.83 -24.40
CA TYR A 48 1.88 -19.41 -24.72
C TYR A 48 2.52 -19.28 -26.09
N THR A 49 2.09 -18.28 -26.84
CA THR A 49 2.72 -17.92 -28.10
C THR A 49 3.55 -16.66 -27.88
N PRO A 50 4.37 -16.27 -28.87
CA PRO A 50 5.12 -15.02 -28.76
C PRO A 50 4.19 -13.82 -28.52
N LEU A 51 2.99 -13.84 -29.10
CA LEU A 51 2.00 -12.78 -28.89
C LEU A 51 1.45 -12.69 -27.47
N HIS A 52 1.17 -13.83 -26.82
CA HIS A 52 0.82 -13.84 -25.39
C HIS A 52 1.88 -13.10 -24.57
N LEU A 53 3.14 -13.49 -24.76
CA LEU A 53 4.24 -13.00 -23.95
C LEU A 53 4.52 -11.51 -24.12
N ALA A 54 4.43 -11.04 -25.36
CA ALA A 54 4.60 -9.63 -25.69
C ALA A 54 3.46 -8.78 -25.15
N ALA A 55 2.23 -9.29 -25.23
CA ALA A 55 1.07 -8.59 -24.65
C ALA A 55 1.17 -8.53 -23.14
N GLU A 56 1.58 -9.63 -22.52
CA GLU A 56 1.71 -9.74 -21.08
C GLU A 56 2.81 -8.82 -20.53
N ASP A 57 3.94 -8.74 -21.24
CA ASP A 57 5.06 -7.93 -20.77
C ASP A 57 5.05 -6.51 -21.32
N GLY A 58 3.94 -6.17 -21.99
CA GLY A 58 3.71 -4.82 -22.48
C GLY A 58 4.70 -4.34 -23.52
N HIS A 59 4.93 -5.16 -24.55
CA HIS A 59 5.83 -4.79 -25.63
C HIS A 59 5.02 -4.61 -26.90
N LEU A 60 4.45 -3.41 -27.05
CA LEU A 60 3.50 -3.14 -28.14
C LEU A 60 4.11 -3.27 -29.54
N GLU A 61 5.34 -2.80 -29.73
CA GLU A 61 5.98 -2.89 -31.04
C GLU A 61 6.14 -4.35 -31.48
N ILE A 62 6.41 -5.23 -30.52
CA ILE A 62 6.49 -6.66 -30.80
C ILE A 62 5.11 -7.22 -31.11
N VAL A 63 4.11 -6.82 -30.31
CA VAL A 63 2.72 -7.20 -30.58
C VAL A 63 2.38 -6.88 -32.04
N GLU A 64 2.72 -5.68 -32.48
CA GLU A 64 2.38 -5.19 -33.83
C GLU A 64 3.10 -5.94 -34.93
N VAL A 65 4.39 -6.21 -34.72
CA VAL A 65 5.21 -6.97 -35.66
C VAL A 65 4.65 -8.38 -35.83
N LEU A 66 4.31 -9.00 -34.71
CA LEU A 66 3.76 -10.36 -34.72
C LEU A 66 2.44 -10.43 -35.46
N LEU A 67 1.53 -9.52 -35.12
CA LEU A 67 0.22 -9.49 -35.75
C LEU A 67 0.30 -9.21 -37.26
N LYS A 68 1.19 -8.30 -37.64
CA LYS A 68 1.40 -7.98 -39.06
C LYS A 68 1.84 -9.22 -39.85
N HIS A 69 2.62 -10.09 -39.21
CA HIS A 69 3.13 -11.27 -39.91
C HIS A 69 2.41 -12.57 -39.57
N GLY A 70 1.13 -12.45 -39.22
CA GLY A 70 0.26 -13.61 -39.13
C GLY A 70 0.11 -14.32 -37.80
N ALA A 71 0.55 -13.70 -36.69
CA ALA A 71 0.27 -14.28 -35.38
C ALA A 71 -1.23 -14.41 -35.18
N ASP A 72 -1.64 -15.50 -34.52
CA ASP A 72 -3.05 -15.77 -34.17
C ASP A 72 -3.50 -14.89 -32.99
N VAL A 73 -4.33 -13.90 -33.30
CA VAL A 73 -4.74 -12.90 -32.31
C VAL A 73 -5.58 -13.55 -31.22
N ASN A 74 -6.21 -14.67 -31.56
CA ASN A 74 -7.07 -15.41 -30.63
C ASN A 74 -6.49 -16.70 -30.08
N ALA A 75 -5.17 -16.88 -30.17
CA ALA A 75 -4.54 -18.05 -29.59
C ALA A 75 -4.82 -18.14 -28.08
N ALA A 76 -5.18 -19.34 -27.62
CA ALA A 76 -5.46 -19.58 -26.22
C ALA A 76 -4.37 -20.46 -25.61
N ASP A 77 -3.86 -20.07 -24.45
CA ASP A 77 -2.89 -20.91 -23.75
C ASP A 77 -3.59 -22.15 -23.18
N ARG A 78 -2.86 -22.95 -22.39
CA ARG A 78 -3.43 -24.18 -21.79
C ARG A 78 -4.70 -23.93 -20.97
N LEU A 79 -4.80 -22.77 -20.34
CA LEU A 79 -5.98 -22.48 -19.50
C LEU A 79 -7.05 -21.62 -20.19
N GLY A 80 -6.92 -21.42 -21.50
CA GLY A 80 -7.95 -20.75 -22.30
C GLY A 80 -7.77 -19.24 -22.43
N ASP A 81 -6.69 -18.70 -21.85
CA ASP A 81 -6.45 -17.26 -21.90
C ASP A 81 -5.83 -16.81 -23.22
N THR A 82 -6.36 -15.70 -23.73
CA THR A 82 -5.89 -15.10 -24.98
C THR A 82 -4.96 -13.93 -24.68
N PRO A 83 -4.20 -13.44 -25.68
CA PRO A 83 -3.39 -12.23 -25.45
C PRO A 83 -4.24 -11.06 -24.91
N LEU A 84 -5.52 -11.00 -25.30
CA LEU A 84 -6.42 -9.96 -24.80
C LEU A 84 -6.70 -10.09 -23.31
N HIS A 85 -6.96 -11.30 -22.82
CA HIS A 85 -7.03 -11.54 -21.37
C HIS A 85 -5.78 -10.99 -20.67
N LEU A 86 -4.61 -11.28 -21.24
CA LEU A 86 -3.34 -10.93 -20.59
C LEU A 86 -3.07 -9.42 -20.56
N ALA A 87 -3.35 -8.74 -21.67
CA ALA A 87 -3.24 -7.28 -21.73
C ALA A 87 -4.21 -6.58 -20.77
N ALA A 88 -5.42 -7.13 -20.64
CA ALA A 88 -6.42 -6.60 -19.73
C ALA A 88 -5.97 -6.79 -18.29
N PHE A 89 -5.32 -7.93 -18.05
CA PHE A 89 -4.83 -8.34 -16.73
C PHE A 89 -3.75 -7.38 -16.20
N VAL A 90 -2.79 -7.05 -17.05
CA VAL A 90 -1.67 -6.19 -16.64
C VAL A 90 -1.97 -4.70 -16.91
N GLY A 91 -3.11 -4.43 -17.56
CA GLY A 91 -3.58 -3.06 -17.77
C GLY A 91 -2.92 -2.32 -18.91
N HIS A 92 -2.60 -3.05 -19.98
CA HIS A 92 -1.95 -2.44 -21.14
C HIS A 92 -2.98 -1.98 -22.17
N LEU A 93 -3.40 -0.73 -22.04
CA LEU A 93 -4.53 -0.17 -22.81
C LEU A 93 -4.31 -0.15 -24.34
N GLU A 94 -3.16 0.36 -24.77
CA GLU A 94 -2.84 0.43 -26.21
C GLU A 94 -2.79 -0.96 -26.85
N ILE A 95 -2.18 -1.91 -26.15
CA ILE A 95 -2.14 -3.31 -26.57
C ILE A 95 -3.56 -3.89 -26.71
N VAL A 96 -4.42 -3.65 -25.72
CA VAL A 96 -5.84 -4.03 -25.83
C VAL A 96 -6.46 -3.47 -27.12
N GLU A 97 -6.23 -2.18 -27.36
CA GLU A 97 -6.79 -1.50 -28.53
C GLU A 97 -6.27 -2.11 -29.84
N VAL A 98 -4.97 -2.35 -29.91
CA VAL A 98 -4.32 -2.98 -31.07
C VAL A 98 -4.83 -4.42 -31.32
N LEU A 99 -4.96 -5.20 -30.24
CA LEU A 99 -5.47 -6.57 -30.37
C LEU A 99 -6.90 -6.56 -30.90
N LEU A 100 -7.74 -5.71 -30.33
CA LEU A 100 -9.13 -5.57 -30.78
C LEU A 100 -9.22 -5.20 -32.27
N LYS A 101 -8.36 -4.29 -32.72
CA LYS A 101 -8.35 -3.88 -34.13
C LYS A 101 -7.89 -5.01 -35.05
N ALA A 102 -7.02 -5.87 -34.53
CA ALA A 102 -6.53 -7.02 -35.27
C ALA A 102 -7.52 -8.17 -35.26
N GLY A 103 -8.68 -7.96 -34.65
CA GLY A 103 -9.75 -8.95 -34.65
C GLY A 103 -9.84 -9.88 -33.43
N ALA A 104 -9.28 -9.46 -32.30
CA ALA A 104 -9.40 -10.23 -31.05
C ALA A 104 -10.87 -10.37 -30.63
N ASP A 105 -11.22 -11.59 -30.22
CA ASP A 105 -12.55 -11.90 -29.70
C ASP A 105 -12.75 -11.18 -28.37
N VAL A 106 -13.59 -10.14 -28.38
CA VAL A 106 -13.78 -9.28 -27.20
C VAL A 106 -14.40 -10.09 -26.04
N ASN A 107 -15.14 -11.14 -26.39
CA ASN A 107 -15.79 -12.00 -25.41
C ASN A 107 -15.18 -13.40 -25.29
N ALA A 108 -13.88 -13.50 -25.58
CA ALA A 108 -13.16 -14.77 -25.40
C ALA A 108 -13.32 -15.23 -23.96
N VAL A 109 -13.41 -16.54 -23.76
CA VAL A 109 -13.57 -17.07 -22.41
C VAL A 109 -12.48 -18.11 -22.12
N ASP A 110 -11.95 -18.11 -20.91
CA ASP A 110 -10.97 -19.13 -20.53
C ASP A 110 -11.68 -20.29 -19.81
N LEU A 111 -10.91 -21.26 -19.34
CA LEU A 111 -11.49 -22.41 -18.64
C LEU A 111 -12.22 -22.01 -17.35
N ALA A 112 -11.75 -20.92 -16.73
CA ALA A 112 -12.37 -20.36 -15.53
C ALA A 112 -13.68 -19.58 -15.80
N GLY A 113 -14.08 -19.50 -17.07
CA GLY A 113 -15.29 -18.76 -17.44
C GLY A 113 -15.10 -17.26 -17.46
N VAL A 114 -13.84 -16.83 -17.41
CA VAL A 114 -13.48 -15.42 -17.31
C VAL A 114 -13.30 -14.78 -18.69
N THR A 115 -13.93 -13.61 -18.91
CA THR A 115 -13.78 -12.83 -20.14
C THR A 115 -12.82 -11.66 -19.92
N PRO A 116 -12.33 -11.04 -21.01
CA PRO A 116 -11.50 -9.84 -20.81
C PRO A 116 -12.16 -8.74 -19.96
N LEU A 117 -13.48 -8.59 -20.07
CA LEU A 117 -14.20 -7.57 -19.30
C LEU A 117 -14.20 -7.89 -17.80
N HIS A 118 -14.38 -9.16 -17.44
CA HIS A 118 -14.18 -9.62 -16.05
C HIS A 118 -12.82 -9.19 -15.51
N VAL A 119 -11.78 -9.44 -16.30
CA VAL A 119 -10.39 -9.15 -15.89
C VAL A 119 -10.19 -7.66 -15.64
N ALA A 120 -10.49 -6.84 -16.64
CA ALA A 120 -10.33 -5.38 -16.54
C ALA A 120 -11.13 -4.82 -15.36
N ALA A 121 -12.31 -5.39 -15.13
CA ALA A 121 -13.17 -4.94 -14.03
C ALA A 121 -12.59 -5.28 -12.66
N PHE A 122 -12.04 -6.48 -12.51
CA PHE A 122 -11.46 -6.89 -11.23
C PHE A 122 -10.17 -6.15 -10.94
N TYR A 123 -9.35 -5.96 -11.96
CA TYR A 123 -8.04 -5.34 -11.76
C TYR A 123 -8.06 -3.81 -11.88
N GLY A 124 -9.27 -3.26 -12.00
CA GLY A 124 -9.51 -1.83 -11.83
C GLY A 124 -9.04 -0.96 -12.97
N HIS A 125 -9.22 -1.45 -14.19
CA HIS A 125 -8.75 -0.73 -15.36
C HIS A 125 -9.93 -0.12 -16.09
N LEU A 126 -10.31 1.09 -15.67
CA LEU A 126 -11.50 1.76 -16.21
C LEU A 126 -11.45 2.04 -17.70
N GLU A 127 -10.32 2.59 -18.19
CA GLU A 127 -10.19 2.88 -19.62
C GLU A 127 -10.29 1.61 -20.48
N ILE A 128 -9.67 0.52 -20.03
CA ILE A 128 -9.78 -0.76 -20.72
C ILE A 128 -11.23 -1.26 -20.74
N VAL A 129 -11.91 -1.20 -19.59
CA VAL A 129 -13.35 -1.48 -19.51
C VAL A 129 -14.12 -0.68 -20.60
N GLU A 130 -13.81 0.60 -20.74
CA GLU A 130 -14.50 1.46 -21.71
C GLU A 130 -14.30 0.99 -23.14
N VAL A 131 -13.05 0.69 -23.49
CA VAL A 131 -12.68 0.22 -24.82
C VAL A 131 -13.34 -1.15 -25.13
N LEU A 132 -13.30 -2.05 -24.16
CA LEU A 132 -13.96 -3.35 -24.29
C LEU A 132 -15.48 -3.21 -24.54
N LEU A 133 -16.15 -2.40 -23.74
CA LEU A 133 -17.60 -2.14 -23.90
C LEU A 133 -17.94 -1.61 -25.28
N LYS A 134 -17.13 -0.67 -25.76
CA LYS A 134 -17.30 -0.08 -27.09
C LYS A 134 -17.11 -1.13 -28.18
N ALA A 135 -16.18 -2.06 -27.96
CA ALA A 135 -15.92 -3.18 -28.88
C ALA A 135 -16.96 -4.30 -28.79
N GLY A 136 -17.93 -4.17 -27.88
CA GLY A 136 -19.03 -5.11 -27.76
C GLY A 136 -18.92 -6.15 -26.67
N ALA A 137 -18.13 -5.87 -25.63
CA ALA A 137 -18.02 -6.77 -24.48
C ALA A 137 -19.39 -7.03 -23.85
N ASP A 138 -19.56 -8.28 -23.41
CA ASP A 138 -20.83 -8.77 -22.87
C ASP A 138 -20.88 -8.53 -21.36
N VAL A 139 -21.70 -7.57 -20.93
CA VAL A 139 -21.77 -7.20 -19.52
C VAL A 139 -22.46 -8.25 -18.64
N ASN A 140 -23.20 -9.15 -19.30
CA ASN A 140 -23.93 -10.21 -18.61
C ASN A 140 -23.18 -11.54 -18.58
N ALA A 141 -21.94 -11.53 -19.07
CA ALA A 141 -21.11 -12.75 -19.07
C ALA A 141 -20.87 -13.22 -17.64
N GLN A 142 -21.10 -14.51 -17.39
CA GLN A 142 -20.87 -15.08 -16.07
C GLN A 142 -19.66 -16.00 -16.04
N ASP A 143 -18.86 -15.88 -14.98
CA ASP A 143 -17.75 -16.81 -14.75
C ASP A 143 -18.21 -18.14 -14.15
N LYS A 144 -17.25 -19.03 -13.87
CA LYS A 144 -17.49 -20.31 -13.19
C LYS A 144 -18.44 -20.18 -12.01
N PHE A 145 -18.35 -19.05 -11.30
CA PHE A 145 -19.06 -18.87 -10.04
C PHE A 145 -20.32 -18.01 -10.17
N GLY A 146 -20.78 -17.82 -11.41
CA GLY A 146 -22.02 -17.10 -11.68
C GLY A 146 -21.92 -15.59 -11.62
N LYS A 147 -20.70 -15.06 -11.59
CA LYS A 147 -20.48 -13.63 -11.41
C LYS A 147 -20.25 -12.89 -12.71
N THR A 148 -20.84 -11.69 -12.81
CA THR A 148 -20.66 -10.81 -13.96
C THR A 148 -19.52 -9.81 -13.69
N PRO A 149 -19.04 -9.11 -14.74
CA PRO A 149 -18.01 -8.10 -14.49
C PRO A 149 -18.44 -7.04 -13.46
N ALA A 150 -19.70 -6.62 -13.48
CA ALA A 150 -20.21 -5.65 -12.50
C ALA A 150 -20.17 -6.19 -11.07
N ASP A 151 -20.60 -7.45 -10.88
CA ASP A 151 -20.48 -8.12 -9.58
C ASP A 151 -19.04 -8.09 -9.09
N ILE A 152 -18.13 -8.50 -9.97
CA ILE A 152 -16.72 -8.62 -9.66
C ILE A 152 -16.10 -7.25 -9.34
N ALA A 153 -16.46 -6.23 -10.12
CA ALA A 153 -15.99 -4.86 -9.87
C ALA A 153 -16.46 -4.37 -8.50
N ALA A 154 -17.75 -4.54 -8.22
CA ALA A 154 -18.34 -4.10 -6.95
C ALA A 154 -17.75 -4.82 -5.74
N ASP A 155 -17.52 -6.13 -5.88
CA ASP A 155 -17.00 -6.93 -4.78
C ASP A 155 -15.53 -6.62 -4.47
N ASN A 156 -14.78 -6.22 -5.48
CA ASN A 156 -13.39 -5.79 -5.27
C ASN A 156 -13.24 -4.28 -5.03
N GLY A 157 -14.37 -3.60 -4.81
CA GLY A 157 -14.37 -2.19 -4.40
C GLY A 157 -14.05 -1.17 -5.48
N HIS A 158 -14.25 -1.54 -6.74
CA HIS A 158 -14.07 -0.62 -7.85
C HIS A 158 -15.43 -0.06 -8.25
N GLU A 159 -15.92 0.85 -7.41
CA GLU A 159 -17.28 1.40 -7.50
C GLU A 159 -17.52 2.19 -8.78
N ASP A 160 -16.51 2.95 -9.21
CA ASP A 160 -16.57 3.71 -10.46
C ASP A 160 -16.85 2.79 -11.66
N ILE A 161 -16.13 1.68 -11.74
CA ILE A 161 -16.33 0.69 -12.82
C ILE A 161 -17.69 0.00 -12.66
N ALA A 162 -18.03 -0.34 -11.43
CA ALA A 162 -19.28 -1.05 -11.13
C ALA A 162 -20.50 -0.19 -11.48
N GLU A 163 -20.42 1.12 -11.24
CA GLU A 163 -21.47 2.05 -11.68
C GLU A 163 -21.58 2.11 -13.20
N VAL A 164 -20.43 2.23 -13.88
CA VAL A 164 -20.39 2.24 -15.35
C VAL A 164 -21.05 1.00 -15.95
N LEU A 165 -20.76 -0.18 -15.39
CA LEU A 165 -21.32 -1.45 -15.87
C LEU A 165 -22.81 -1.63 -15.51
N GLN A 166 -23.19 -1.21 -14.30
CA GLN A 166 -24.57 -1.41 -13.80
C GLN A 166 -25.62 -0.62 -14.59
N LYS A 167 -25.20 0.43 -15.27
CA LYS A 167 -26.07 1.23 -16.13
C LYS A 167 -26.49 0.47 -17.39
N LEU A 168 -25.79 -0.63 -17.67
CA LEU A 168 -25.93 -1.34 -18.95
C LEU A 168 -26.70 -2.66 -18.81
N HIS B 2 -10.83 -40.96 -13.86
CA HIS B 2 -10.63 -39.54 -13.49
C HIS B 2 -9.52 -38.91 -14.32
N LYS B 3 -9.89 -37.96 -15.18
CA LYS B 3 -8.93 -37.25 -16.01
C LYS B 3 -8.17 -36.20 -15.19
N CYS B 4 -6.89 -35.99 -15.53
CA CYS B 4 -6.06 -35.05 -14.79
C CYS B 4 -6.32 -33.61 -15.20
N ASP B 5 -6.57 -32.78 -14.19
CA ASP B 5 -7.01 -31.40 -14.38
C ASP B 5 -5.87 -30.54 -14.92
N ILE B 6 -6.11 -29.99 -16.12
CA ILE B 6 -5.13 -29.15 -16.82
C ILE B 6 -4.77 -27.91 -15.99
N THR B 7 -5.77 -27.36 -15.31
CA THR B 7 -5.61 -26.18 -14.44
C THR B 7 -4.62 -26.47 -13.30
N LEU B 8 -4.87 -27.54 -12.56
CA LEU B 8 -3.94 -28.00 -11.52
C LEU B 8 -2.54 -28.24 -12.06
N GLN B 9 -2.46 -28.87 -13.23
CA GLN B 9 -1.19 -29.14 -13.90
C GLN B 9 -0.36 -27.86 -14.10
N GLU B 10 -1.00 -26.83 -14.64
CA GLU B 10 -0.33 -25.54 -14.89
C GLU B 10 0.03 -24.81 -13.60
N ILE B 11 -0.86 -24.85 -12.62
CA ILE B 11 -0.61 -24.26 -11.30
C ILE B 11 0.64 -24.88 -10.67
N ILE B 12 0.76 -26.20 -10.77
CA ILE B 12 1.92 -26.91 -10.23
C ILE B 12 3.21 -26.55 -10.96
N LYS B 13 3.16 -26.49 -12.29
CA LYS B 13 4.29 -26.02 -13.08
C LYS B 13 4.78 -24.65 -12.59
N THR B 14 3.83 -23.73 -12.37
CA THR B 14 4.15 -22.36 -11.93
C THR B 14 4.76 -22.36 -10.52
N LEU B 15 4.19 -23.15 -9.62
CA LEU B 15 4.71 -23.29 -8.25
C LEU B 15 6.11 -23.92 -8.19
N ASN B 16 6.36 -24.90 -9.05
CA ASN B 16 7.70 -25.50 -9.17
C ASN B 16 8.73 -24.51 -9.67
N SER B 17 8.37 -23.69 -10.65
CA SER B 17 9.23 -22.60 -11.13
C SER B 17 9.48 -21.56 -10.04
N LEU B 18 8.45 -21.23 -9.28
CA LEU B 18 8.57 -20.26 -8.19
C LEU B 18 9.48 -20.68 -7.04
N THR B 19 9.47 -21.97 -6.72
CA THR B 19 10.18 -22.46 -5.53
C THR B 19 11.57 -23.04 -5.84
N GLU B 20 11.97 -23.02 -7.11
CA GLU B 20 13.31 -23.47 -7.47
C GLU B 20 14.28 -22.30 -7.52
N GLN B 21 13.75 -21.10 -7.80
CA GLN B 21 14.55 -19.88 -7.78
C GLN B 21 14.60 -19.26 -6.38
N LYS B 22 15.77 -19.31 -5.76
CA LYS B 22 15.99 -18.66 -4.47
C LYS B 22 16.39 -17.20 -4.69
N THR B 23 15.38 -16.36 -4.93
CA THR B 23 15.60 -14.95 -5.18
C THR B 23 15.76 -14.16 -3.87
N LEU B 24 16.16 -12.91 -3.99
CA LEU B 24 16.38 -12.03 -2.83
C LEU B 24 15.10 -11.82 -2.03
N CYS B 25 13.99 -11.56 -2.73
CA CYS B 25 12.76 -11.16 -2.07
C CYS B 25 11.77 -12.30 -1.81
N THR B 26 12.19 -13.54 -2.07
CA THR B 26 11.38 -14.71 -1.67
C THR B 26 11.50 -14.98 -0.17
N GLU B 27 12.43 -14.27 0.49
CA GLU B 27 12.59 -14.30 1.95
C GLU B 27 11.67 -13.30 2.68
N LEU B 28 11.10 -12.34 1.95
CA LEU B 28 10.11 -11.41 2.51
C LEU B 28 8.90 -12.20 2.98
N THR B 29 8.22 -11.71 4.02
CA THR B 29 7.11 -12.45 4.61
C THR B 29 5.75 -11.96 4.13
N VAL B 30 4.80 -12.89 4.07
CA VAL B 30 3.40 -12.60 3.76
C VAL B 30 2.55 -13.21 4.87
N THR B 31 1.28 -12.83 4.92
CA THR B 31 0.36 -13.38 5.90
C THR B 31 0.19 -14.88 5.68
N ASP B 32 0.37 -15.67 6.74
CA ASP B 32 0.20 -17.13 6.64
C ASP B 32 -1.28 -17.50 6.71
N ILE B 33 -1.98 -17.35 5.57
CA ILE B 33 -3.44 -17.55 5.54
C ILE B 33 -3.84 -18.99 5.88
N PHE B 34 -2.89 -19.90 5.68
CA PHE B 34 -3.10 -21.32 5.93
C PHE B 34 -3.28 -21.64 7.40
N ALA B 35 -2.68 -20.81 8.27
CA ALA B 35 -2.91 -20.90 9.71
C ALA B 35 -4.35 -20.58 10.11
N ALA B 36 -5.05 -19.78 9.29
CA ALA B 36 -6.42 -19.34 9.57
C ALA B 36 -7.47 -20.19 8.86
N SER B 37 -7.04 -21.24 8.18
CA SER B 37 -7.95 -22.09 7.45
C SER B 37 -8.27 -23.37 8.25
N LYS B 38 -9.14 -23.20 9.25
CA LYS B 38 -9.59 -24.32 10.07
C LYS B 38 -10.72 -25.05 9.37
N ASN B 39 -11.96 -24.61 9.63
CA ASN B 39 -13.13 -25.14 8.95
C ASN B 39 -13.53 -24.21 7.80
N THR B 40 -12.62 -24.04 6.85
CA THR B 40 -12.78 -23.13 5.73
C THR B 40 -12.84 -23.89 4.41
N THR B 41 -13.71 -23.46 3.50
CA THR B 41 -13.86 -24.08 2.17
C THR B 41 -12.55 -24.01 1.39
N GLU B 42 -12.40 -24.92 0.43
CA GLU B 42 -11.24 -24.91 -0.45
C GLU B 42 -11.19 -23.59 -1.24
N LYS B 43 -12.36 -23.18 -1.75
CA LYS B 43 -12.47 -21.93 -2.53
C LYS B 43 -12.02 -20.70 -1.75
N GLU B 44 -12.42 -20.62 -0.48
CA GLU B 44 -12.00 -19.52 0.38
C GLU B 44 -10.51 -19.55 0.69
N THR B 45 -9.96 -20.72 0.99
CA THR B 45 -8.52 -20.89 1.23
C THR B 45 -7.72 -20.36 0.03
N PHE B 46 -8.08 -20.79 -1.17
CA PHE B 46 -7.43 -20.34 -2.39
C PHE B 46 -7.63 -18.85 -2.66
N CYS B 47 -8.82 -18.33 -2.38
CA CYS B 47 -9.08 -16.88 -2.50
C CYS B 47 -8.23 -16.08 -1.53
N ARG B 48 -8.13 -16.55 -0.29
CA ARG B 48 -7.25 -15.92 0.69
C ARG B 48 -5.79 -15.94 0.25
N ALA B 49 -5.37 -17.03 -0.37
CA ALA B 49 -3.99 -17.15 -0.84
C ALA B 49 -3.70 -16.26 -2.05
N ALA B 50 -4.60 -16.24 -3.02
CA ALA B 50 -4.46 -15.38 -4.20
C ALA B 50 -4.46 -13.89 -3.83
N THR B 51 -5.26 -13.54 -2.84
CA THR B 51 -5.35 -12.17 -2.35
C THR B 51 -4.01 -11.70 -1.80
N VAL B 52 -3.41 -12.54 -0.96
CA VAL B 52 -2.09 -12.27 -0.39
C VAL B 52 -1.03 -12.19 -1.48
N LEU B 53 -1.08 -13.12 -2.44
CA LEU B 53 -0.11 -13.16 -3.53
C LEU B 53 -0.21 -11.93 -4.43
N ARG B 54 -1.45 -11.50 -4.68
CA ARG B 54 -1.75 -10.31 -5.48
C ARG B 54 -1.17 -9.05 -4.85
N GLN B 55 -1.42 -8.91 -3.55
CA GLN B 55 -0.85 -7.83 -2.75
C GLN B 55 0.66 -7.80 -2.84
N PHE B 56 1.28 -8.98 -2.78
CA PHE B 56 2.73 -9.06 -2.82
C PHE B 56 3.31 -8.57 -4.14
N TYR B 57 2.89 -9.17 -5.25
CA TYR B 57 3.44 -8.77 -6.55
C TYR B 57 3.10 -7.31 -6.92
N SER B 58 1.98 -6.80 -6.43
CA SER B 58 1.63 -5.38 -6.62
C SER B 58 2.61 -4.44 -5.89
N HIS B 59 2.91 -4.77 -4.64
CA HIS B 59 3.76 -3.94 -3.78
C HIS B 59 5.24 -4.08 -4.07
N HIS B 60 5.66 -5.23 -4.59
CA HIS B 60 7.07 -5.50 -4.74
C HIS B 60 7.53 -5.57 -6.19
N GLU B 61 6.59 -5.33 -7.12
CA GLU B 61 6.95 -5.19 -8.52
C GLU B 61 7.82 -3.93 -8.69
N LYS B 62 7.37 -2.82 -8.11
CA LYS B 62 8.15 -1.57 -8.09
C LYS B 62 8.92 -1.44 -6.78
N ASP B 63 9.86 -2.36 -6.55
CA ASP B 63 10.66 -2.39 -5.32
C ASP B 63 12.16 -2.30 -5.63
N THR B 64 12.75 -1.14 -5.30
CA THR B 64 14.17 -0.87 -5.57
C THR B 64 15.11 -1.85 -4.88
N ARG B 65 14.80 -2.19 -3.63
CA ARG B 65 15.57 -3.16 -2.85
C ARG B 65 15.60 -4.54 -3.53
N CYS B 66 14.47 -4.94 -4.11
CA CYS B 66 14.33 -6.23 -4.78
C CYS B 66 15.06 -6.31 -6.12
N LEU B 67 15.09 -5.19 -6.84
CA LEU B 67 15.76 -5.09 -8.14
C LEU B 67 17.28 -5.27 -8.03
N PHE B 74 18.61 -8.17 -10.78
CA PHE B 74 17.60 -7.32 -11.41
C PHE B 74 16.73 -8.10 -12.40
N HIS B 75 17.18 -9.30 -12.76
CA HIS B 75 16.47 -10.15 -13.70
C HIS B 75 15.77 -11.35 -13.04
N ARG B 76 16.33 -11.82 -11.92
CA ARG B 76 15.73 -12.91 -11.16
C ARG B 76 14.45 -12.45 -10.47
N HIS B 77 14.39 -11.15 -10.15
CA HIS B 77 13.20 -10.53 -9.58
C HIS B 77 12.09 -10.38 -10.62
N LYS B 78 12.49 -10.14 -11.87
CA LYS B 78 11.56 -10.06 -13.00
C LYS B 78 10.82 -11.39 -13.22
N GLN B 79 11.56 -12.50 -13.21
CA GLN B 79 10.98 -13.83 -13.32
C GLN B 79 10.04 -14.13 -12.15
N LEU B 80 10.45 -13.74 -10.93
CA LEU B 80 9.61 -13.92 -9.75
C LEU B 80 8.24 -13.27 -9.93
N ILE B 81 8.24 -11.96 -10.20
CA ILE B 81 7.00 -11.20 -10.41
C ILE B 81 6.19 -11.79 -11.55
N ARG B 82 6.88 -12.15 -12.65
CA ARG B 82 6.27 -12.79 -13.81
C ARG B 82 5.46 -14.02 -13.38
N PHE B 83 6.11 -14.93 -12.66
CA PHE B 83 5.49 -16.18 -12.26
C PHE B 83 4.43 -16.00 -11.16
N LEU B 84 4.57 -14.96 -10.34
CA LEU B 84 3.55 -14.63 -9.33
C LEU B 84 2.25 -14.18 -9.99
N LYS B 85 2.37 -13.36 -11.04
CA LYS B 85 1.21 -12.94 -11.85
C LYS B 85 0.56 -14.13 -12.57
N ARG B 86 1.40 -15.05 -13.07
CA ARG B 86 0.93 -16.29 -13.69
C ARG B 86 0.11 -17.12 -12.72
N LEU B 87 0.65 -17.28 -11.52
CA LEU B 87 -0.01 -18.01 -10.45
C LEU B 87 -1.38 -17.42 -10.17
N ASP B 88 -1.46 -16.10 -10.07
CA ASP B 88 -2.72 -15.39 -9.87
C ASP B 88 -3.75 -15.79 -10.95
N ARG B 89 -3.35 -15.72 -12.21
CA ARG B 89 -4.21 -16.10 -13.33
C ARG B 89 -4.59 -17.58 -13.29
N ASN B 90 -3.60 -18.44 -12.99
CA ASN B 90 -3.81 -19.88 -12.85
C ASN B 90 -4.88 -20.21 -11.78
N LEU B 91 -4.98 -19.35 -10.76
CA LEU B 91 -5.92 -19.53 -9.67
C LEU B 91 -7.32 -18.94 -9.92
N TRP B 92 -7.52 -18.23 -11.03
CA TRP B 92 -8.85 -17.64 -11.30
C TRP B 92 -9.96 -18.70 -11.24
N GLY B 93 -9.68 -19.90 -11.74
CA GLY B 93 -10.66 -21.00 -11.78
C GLY B 93 -10.93 -21.68 -10.45
N LEU B 94 -9.97 -21.56 -9.53
CA LEU B 94 -10.07 -22.17 -8.21
C LEU B 94 -10.52 -21.16 -7.15
N ALA B 95 -9.97 -19.95 -7.22
CA ALA B 95 -10.23 -18.91 -6.23
C ALA B 95 -11.33 -17.96 -6.67
N GLY B 96 -11.47 -17.78 -7.98
CA GLY B 96 -12.36 -16.76 -8.53
C GLY B 96 -11.69 -15.40 -8.53
N LEU B 97 -12.25 -14.47 -9.29
CA LEU B 97 -11.85 -13.06 -9.25
C LEU B 97 -12.47 -12.38 -8.03
N ASN B 98 -11.86 -12.61 -6.88
CA ASN B 98 -12.35 -12.15 -5.58
C ASN B 98 -11.18 -11.75 -4.68
N SER B 99 -11.46 -10.87 -3.72
CA SER B 99 -10.50 -10.55 -2.67
C SER B 99 -11.06 -11.05 -1.34
N CYS B 100 -10.24 -11.80 -0.61
CA CYS B 100 -10.62 -12.38 0.66
C CYS B 100 -9.57 -12.06 1.73
N PRO B 101 -9.75 -10.93 2.43
CA PRO B 101 -8.80 -10.55 3.47
C PRO B 101 -8.98 -11.41 4.73
N VAL B 102 -7.89 -11.57 5.49
CA VAL B 102 -7.94 -12.29 6.75
C VAL B 102 -7.34 -11.45 7.88
N LYS B 103 -7.76 -11.72 9.10
CA LYS B 103 -7.25 -11.04 10.28
C LYS B 103 -5.92 -11.61 10.76
N GLU B 104 -5.65 -12.87 10.37
CA GLU B 104 -4.45 -13.62 10.74
C GLU B 104 -3.16 -12.79 10.83
N ALA B 105 -2.49 -12.89 11.98
CA ALA B 105 -1.23 -12.19 12.23
C ALA B 105 0.02 -12.97 11.83
N ASN B 106 -0.07 -14.30 11.91
CA ASN B 106 1.07 -15.17 11.57
C ASN B 106 1.64 -14.84 10.21
N GLN B 107 2.96 -14.79 10.14
CA GLN B 107 3.68 -14.47 8.92
C GLN B 107 4.47 -15.69 8.48
N SER B 108 4.65 -15.83 7.17
CA SER B 108 5.55 -16.84 6.62
C SER B 108 6.35 -16.21 5.50
N THR B 109 7.58 -16.69 5.26
CA THR B 109 8.31 -16.26 4.06
C THR B 109 7.49 -16.61 2.83
N LEU B 110 7.59 -15.77 1.80
CA LEU B 110 6.93 -16.07 0.54
C LEU B 110 7.31 -17.50 0.10
N GLU B 111 8.59 -17.84 0.24
CA GLU B 111 9.05 -19.19 -0.10
C GLU B 111 8.21 -20.27 0.58
N ASN B 112 8.06 -20.17 1.90
CA ASN B 112 7.34 -21.19 2.65
C ASN B 112 5.85 -21.20 2.38
N PHE B 113 5.32 -20.01 2.12
CA PHE B 113 3.91 -19.85 1.78
C PHE B 113 3.62 -20.60 0.47
N LEU B 114 4.48 -20.38 -0.53
CA LEU B 114 4.33 -21.02 -1.84
C LEU B 114 4.53 -22.55 -1.74
N GLU B 115 5.40 -22.97 -0.84
CA GLU B 115 5.62 -24.41 -0.59
C GLU B 115 4.37 -25.06 -0.02
N ARG B 116 3.73 -24.37 0.92
CA ARG B 116 2.47 -24.81 1.52
C ARG B 116 1.37 -24.93 0.47
N LEU B 117 1.31 -23.96 -0.45
CA LEU B 117 0.34 -24.00 -1.53
C LEU B 117 0.63 -25.12 -2.53
N LYS B 118 1.91 -25.33 -2.84
CA LYS B 118 2.31 -26.42 -3.73
C LYS B 118 1.87 -27.78 -3.18
N THR B 119 2.05 -27.99 -1.88
CA THR B 119 1.66 -29.26 -1.24
C THR B 119 0.18 -29.52 -1.42
N ILE B 120 -0.65 -28.55 -1.07
CA ILE B 120 -2.10 -28.63 -1.24
C ILE B 120 -2.46 -28.98 -2.69
N MET B 121 -1.88 -28.28 -3.65
CA MET B 121 -2.17 -28.51 -5.07
C MET B 121 -1.71 -29.87 -5.59
N ARG B 122 -0.53 -30.31 -5.18
CA ARG B 122 -0.01 -31.59 -5.64
C ARG B 122 -0.74 -32.79 -5.02
N GLU B 123 -1.14 -32.66 -3.77
CA GLU B 123 -2.06 -33.63 -3.15
C GLU B 123 -3.39 -33.68 -3.94
N LYS B 124 -3.94 -32.51 -4.22
CA LYS B 124 -5.15 -32.38 -5.04
C LYS B 124 -5.00 -33.04 -6.41
N TYR B 125 -3.87 -32.78 -7.08
CA TYR B 125 -3.61 -33.35 -8.41
C TYR B 125 -3.51 -34.88 -8.40
N SER B 126 -2.97 -35.45 -7.33
CA SER B 126 -2.78 -36.90 -7.25
C SER B 126 -4.09 -37.70 -7.19
N LYS B 127 -5.20 -36.99 -6.98
CA LYS B 127 -6.53 -37.60 -7.02
C LYS B 127 -6.89 -38.20 -8.40
N CYS B 128 -6.31 -37.64 -9.48
CA CYS B 128 -6.56 -38.16 -10.83
C CYS B 128 -5.84 -39.48 -11.11
N SER B 129 -5.07 -39.95 -10.12
CA SER B 129 -4.41 -41.23 -10.20
C SER B 129 -5.30 -42.33 -9.62
N SER B 130 -6.44 -41.92 -9.05
CA SER B 130 -7.40 -42.83 -8.42
C SER B 130 -8.23 -43.63 -9.44
N SER C 12 15.84 18.36 36.54
CA SER C 12 15.29 17.28 37.41
C SER C 12 15.49 15.89 36.78
N ASP C 13 16.31 15.08 37.45
CA ASP C 13 16.62 13.72 37.01
C ASP C 13 15.39 12.81 36.97
N LEU C 14 14.57 12.87 38.01
CA LEU C 14 13.37 12.03 38.11
C LEU C 14 12.39 12.33 36.99
N GLY C 15 12.25 13.61 36.66
CA GLY C 15 11.35 14.07 35.59
C GLY C 15 11.76 13.50 34.24
N LYS C 16 13.06 13.53 33.97
CA LYS C 16 13.62 13.01 32.73
C LYS C 16 13.35 11.53 32.62
N LYS C 17 13.50 10.83 33.74
CA LYS C 17 13.22 9.39 33.80
C LYS C 17 11.73 9.11 33.62
N LEU C 18 10.88 10.01 34.12
CA LEU C 18 9.43 9.83 33.96
C LEU C 18 9.01 10.04 32.52
N LEU C 19 9.58 11.06 31.87
CA LEU C 19 9.31 11.32 30.45
C LEU C 19 9.64 10.07 29.63
N GLU C 20 10.80 9.47 29.90
CA GLU C 20 11.24 8.24 29.20
C GLU C 20 10.35 7.05 29.48
N ALA C 21 10.00 6.82 30.74
CA ALA C 21 9.10 5.73 31.12
C ALA C 21 7.70 5.88 30.51
N ALA C 22 7.23 7.11 30.39
CA ALA C 22 5.91 7.36 29.80
C ALA C 22 5.89 7.10 28.28
N ARG C 23 6.92 7.60 27.60
CA ARG C 23 7.13 7.31 26.17
C ARG C 23 7.24 5.82 25.90
N ALA C 24 8.04 5.13 26.71
CA ALA C 24 8.33 3.70 26.52
C ALA C 24 7.22 2.76 26.98
N GLY C 25 6.20 3.31 27.63
CA GLY C 25 5.09 2.48 28.12
C GLY C 25 5.45 1.56 29.28
N GLN C 26 6.41 2.00 30.10
CA GLN C 26 6.83 1.21 31.26
C GLN C 26 5.96 1.54 32.48
N ASP C 27 4.82 0.85 32.57
CA ASP C 27 3.76 1.15 33.55
C ASP C 27 4.26 1.11 35.00
N ASP C 28 4.98 0.06 35.35
CA ASP C 28 5.52 -0.08 36.71
C ASP C 28 6.50 1.02 37.05
N GLU C 29 7.42 1.30 36.12
CA GLU C 29 8.43 2.35 36.33
C GLU C 29 7.78 3.74 36.50
N VAL C 30 6.75 4.03 35.71
CA VAL C 30 5.99 5.27 35.84
C VAL C 30 5.48 5.46 37.27
N ARG C 31 4.84 4.43 37.82
CA ARG C 31 4.30 4.46 39.19
C ARG C 31 5.38 4.66 40.26
N ILE C 32 6.53 4.00 40.06
CA ILE C 32 7.64 4.07 41.02
C ILE C 32 8.25 5.47 41.03
N LEU C 33 8.51 6.01 39.84
CA LEU C 33 9.06 7.36 39.71
C LEU C 33 8.11 8.39 40.33
N MET C 34 6.81 8.21 40.06
CA MET C 34 5.78 9.11 40.59
C MET C 34 5.76 9.06 42.13
N ALA C 35 5.84 7.86 42.68
CA ALA C 35 5.90 7.69 44.15
C ALA C 35 7.19 8.28 44.74
N ASN C 36 8.27 8.19 43.98
CA ASN C 36 9.60 8.60 44.45
C ASN C 36 9.92 10.09 44.27
N GLY C 37 9.00 10.83 43.68
CA GLY C 37 9.11 12.28 43.63
C GLY C 37 9.08 12.95 42.26
N ALA C 38 8.89 12.17 41.19
CA ALA C 38 8.88 12.76 39.85
C ALA C 38 7.68 13.70 39.67
N ASP C 39 7.94 14.87 39.10
CA ASP C 39 6.90 15.82 38.73
C ASP C 39 6.09 15.23 37.57
N VAL C 40 4.79 15.06 37.79
CA VAL C 40 3.86 14.52 36.79
C VAL C 40 3.81 15.44 35.56
N ASN C 41 4.14 16.71 35.77
CA ASN C 41 4.18 17.72 34.72
C ASN C 41 5.58 18.11 34.26
N ALA C 42 6.52 17.16 34.35
CA ALA C 42 7.89 17.37 33.90
C ALA C 42 7.91 17.73 32.42
N LEU C 43 8.84 18.60 32.04
CA LEU C 43 8.92 19.10 30.67
C LEU C 43 10.27 18.83 30.03
N ASP C 44 10.26 18.43 28.76
CA ASP C 44 11.50 18.39 27.96
C ASP C 44 11.67 19.67 27.15
N ASP C 45 12.80 19.79 26.45
CA ASP C 45 13.18 21.03 25.76
C ASP C 45 12.29 21.36 24.55
N SER C 46 11.44 20.40 24.19
CA SER C 46 10.46 20.58 23.12
C SER C 46 9.07 20.83 23.70
N GLY C 47 8.97 20.90 25.02
CA GLY C 47 7.72 21.21 25.71
C GLY C 47 6.76 20.05 25.91
N TYR C 48 7.22 18.82 25.67
CA TYR C 48 6.41 17.64 25.95
C TYR C 48 6.40 17.28 27.43
N THR C 49 5.24 16.82 27.90
CA THR C 49 5.06 16.30 29.24
C THR C 49 4.88 14.79 29.12
N PRO C 50 4.99 14.04 30.24
CA PRO C 50 4.78 12.60 30.23
C PRO C 50 3.42 12.26 29.62
N LEU C 51 2.43 13.13 29.84
CA LEU C 51 1.09 12.94 29.29
C LEU C 51 1.07 13.05 27.76
N HIS C 52 1.82 14.02 27.20
CA HIS C 52 1.99 14.10 25.74
C HIS C 52 2.54 12.78 25.21
N LEU C 53 3.62 12.33 25.82
CA LEU C 53 4.37 11.19 25.28
C LEU C 53 3.58 9.89 25.37
N ALA C 54 2.87 9.69 26.49
CA ALA C 54 2.01 8.52 26.68
C ALA C 54 0.80 8.53 25.74
N ALA C 55 0.20 9.70 25.55
CA ALA C 55 -0.92 9.85 24.59
C ALA C 55 -0.48 9.58 23.15
N GLU C 56 0.67 10.13 22.77
CA GLU C 56 1.23 9.97 21.42
C GLU C 56 1.63 8.52 21.14
N ASP C 57 2.18 7.86 22.15
CA ASP C 57 2.70 6.51 22.00
C ASP C 57 1.68 5.43 22.35
N GLY C 58 0.44 5.83 22.63
CA GLY C 58 -0.67 4.90 22.80
C GLY C 58 -0.71 4.13 24.10
N HIS C 59 -0.18 4.71 25.18
CA HIS C 59 -0.12 4.02 26.47
C HIS C 59 -1.22 4.48 27.42
N LEU C 60 -2.41 3.90 27.24
CA LEU C 60 -3.62 4.36 27.96
C LEU C 60 -3.53 4.28 29.48
N GLU C 61 -3.02 3.17 30.01
CA GLU C 61 -2.88 3.02 31.47
C GLU C 61 -2.05 4.14 32.09
N ILE C 62 -0.95 4.49 31.41
CA ILE C 62 -0.08 5.58 31.85
C ILE C 62 -0.79 6.95 31.76
N VAL C 63 -1.49 7.19 30.65
CA VAL C 63 -2.33 8.38 30.50
C VAL C 63 -3.27 8.52 31.71
N GLU C 64 -3.94 7.44 32.08
CA GLU C 64 -4.90 7.47 33.20
C GLU C 64 -4.25 7.70 34.57
N VAL C 65 -3.09 7.06 34.79
CA VAL C 65 -2.35 7.21 36.03
C VAL C 65 -1.84 8.65 36.17
N LEU C 66 -1.33 9.22 35.07
CA LEU C 66 -0.89 10.62 35.08
C LEU C 66 -2.04 11.56 35.38
N LEU C 67 -3.16 11.36 34.70
CA LEU C 67 -4.32 12.25 34.86
C LEU C 67 -4.86 12.17 36.28
N LYS C 68 -4.92 10.96 36.81
CA LYS C 68 -5.39 10.69 38.18
C LYS C 68 -4.60 11.49 39.20
N HIS C 69 -3.31 11.64 38.95
CA HIS C 69 -2.42 12.31 39.88
C HIS C 69 -1.95 13.70 39.46
N GLY C 70 -2.78 14.38 38.67
CA GLY C 70 -2.65 15.81 38.46
C GLY C 70 -1.92 16.30 37.23
N ALA C 71 -1.67 15.41 36.26
CA ALA C 71 -1.09 15.86 34.99
C ALA C 71 -2.00 16.88 34.33
N ASP C 72 -1.41 17.90 33.73
CA ASP C 72 -2.17 18.98 33.08
C ASP C 72 -2.70 18.46 31.74
N VAL C 73 -4.01 18.25 31.68
CA VAL C 73 -4.64 17.66 30.50
C VAL C 73 -4.49 18.56 29.26
N ASN C 74 -4.36 19.86 29.49
CA ASN C 74 -4.25 20.86 28.42
C ASN C 74 -2.87 21.43 28.20
N ALA C 75 -1.85 20.71 28.68
CA ALA C 75 -0.45 21.07 28.43
C ALA C 75 -0.20 21.19 26.92
N ALA C 76 0.46 22.27 26.51
CA ALA C 76 0.83 22.47 25.12
C ALA C 76 2.34 22.39 24.96
N ASP C 77 2.82 21.65 23.97
CA ASP C 77 4.26 21.63 23.67
C ASP C 77 4.69 22.96 23.02
N ARG C 78 5.93 23.05 22.54
CA ARG C 78 6.42 24.33 22.01
C ARG C 78 5.70 24.81 20.73
N LEU C 79 5.09 23.87 20.00
CA LEU C 79 4.27 24.22 18.84
C LEU C 79 2.76 24.28 19.14
N GLY C 80 2.42 24.28 20.42
CA GLY C 80 1.04 24.47 20.86
C GLY C 80 0.17 23.21 20.82
N ASP C 81 0.80 22.07 20.58
CA ASP C 81 0.05 20.82 20.54
C ASP C 81 -0.22 20.22 21.91
N THR C 82 -1.48 19.83 22.12
CA THR C 82 -1.91 19.21 23.37
C THR C 82 -1.91 17.68 23.24
N PRO C 83 -1.97 16.97 24.38
CA PRO C 83 -2.15 15.52 24.35
C PRO C 83 -3.33 15.09 23.45
N LEU C 84 -4.40 15.88 23.44
CA LEU C 84 -5.56 15.60 22.56
C LEU C 84 -5.21 15.72 21.07
N HIS C 85 -4.48 16.76 20.67
CA HIS C 85 -3.97 16.85 19.30
C HIS C 85 -3.20 15.57 18.91
N LEU C 86 -2.32 15.12 19.81
CA LEU C 86 -1.47 13.97 19.53
C LEU C 86 -2.27 12.66 19.38
N ALA C 87 -3.18 12.42 20.31
CA ALA C 87 -4.07 11.27 20.29
C ALA C 87 -4.96 11.25 19.04
N ALA C 88 -5.51 12.41 18.69
CA ALA C 88 -6.33 12.57 17.48
C ALA C 88 -5.55 12.30 16.20
N PHE C 89 -4.27 12.66 16.22
CA PHE C 89 -3.36 12.50 15.09
C PHE C 89 -3.03 11.03 14.83
N VAL C 90 -2.55 10.38 15.87
CA VAL C 90 -2.10 9.01 15.77
C VAL C 90 -3.30 8.04 15.76
N GLY C 91 -4.45 8.49 16.25
CA GLY C 91 -5.69 7.72 16.14
C GLY C 91 -6.01 6.80 17.31
N HIS C 92 -5.63 7.24 18.50
CA HIS C 92 -5.90 6.49 19.71
C HIS C 92 -7.25 6.91 20.28
N LEU C 93 -8.28 6.16 19.92
CA LEU C 93 -9.66 6.51 20.24
C LEU C 93 -9.95 6.56 21.75
N GLU C 94 -9.45 5.58 22.50
CA GLU C 94 -9.79 5.48 23.92
C GLU C 94 -9.04 6.54 24.70
N ILE C 95 -7.82 6.83 24.29
CA ILE C 95 -7.06 7.93 24.88
C ILE C 95 -7.79 9.26 24.64
N VAL C 96 -8.27 9.47 23.42
CA VAL C 96 -9.09 10.64 23.13
C VAL C 96 -10.27 10.76 24.11
N GLU C 97 -10.99 9.66 24.33
CA GLU C 97 -12.15 9.68 25.23
C GLU C 97 -11.77 10.04 26.65
N VAL C 98 -10.67 9.45 27.13
CA VAL C 98 -10.21 9.65 28.50
C VAL C 98 -9.73 11.08 28.73
N LEU C 99 -9.02 11.63 27.73
CA LEU C 99 -8.57 13.01 27.78
C LEU C 99 -9.76 13.95 27.88
N LEU C 100 -10.77 13.72 27.05
CA LEU C 100 -11.95 14.58 27.04
C LEU C 100 -12.71 14.48 28.36
N LYS C 101 -12.83 13.26 28.90
CA LYS C 101 -13.47 13.05 30.21
C LYS C 101 -12.72 13.78 31.32
N ALA C 102 -11.41 13.86 31.20
CA ALA C 102 -10.58 14.59 32.17
C ALA C 102 -10.56 16.11 31.99
N GLY C 103 -11.27 16.60 30.97
CA GLY C 103 -11.40 18.04 30.77
C GLY C 103 -10.54 18.67 29.69
N ALA C 104 -10.04 17.85 28.75
CA ALA C 104 -9.27 18.37 27.62
C ALA C 104 -10.10 19.37 26.81
N ASP C 105 -9.44 20.44 26.37
CA ASP C 105 -10.06 21.44 25.51
C ASP C 105 -10.27 20.83 24.12
N VAL C 106 -11.52 20.47 23.81
CA VAL C 106 -11.85 19.83 22.53
C VAL C 106 -11.54 20.73 21.32
N ASN C 107 -11.49 22.04 21.57
CA ASN C 107 -11.25 23.01 20.51
C ASN C 107 -9.90 23.72 20.65
N ALA C 108 -8.94 23.05 21.31
CA ALA C 108 -7.57 23.57 21.43
C ALA C 108 -6.96 23.86 20.07
N VAL C 109 -6.22 24.96 19.99
CA VAL C 109 -5.60 25.39 18.75
C VAL C 109 -4.09 25.44 18.95
N ASP C 110 -3.34 24.78 18.07
CA ASP C 110 -1.88 24.84 18.12
C ASP C 110 -1.34 26.01 17.30
N LEU C 111 -0.01 26.12 17.20
CA LEU C 111 0.62 27.18 16.39
C LEU C 111 0.24 27.12 14.91
N ALA C 112 0.03 25.91 14.40
CA ALA C 112 -0.37 25.68 13.01
C ALA C 112 -1.83 26.09 12.78
N GLY C 113 -2.53 26.42 13.86
CA GLY C 113 -3.92 26.85 13.80
C GLY C 113 -4.94 25.73 13.63
N VAL C 114 -4.54 24.50 13.96
CA VAL C 114 -5.46 23.37 13.80
C VAL C 114 -6.04 22.86 15.12
N THR C 115 -7.26 22.36 15.07
CA THR C 115 -7.92 21.74 16.22
C THR C 115 -7.83 20.22 16.14
N PRO C 116 -8.14 19.52 17.25
CA PRO C 116 -8.24 18.07 17.17
C PRO C 116 -9.17 17.58 16.05
N LEU C 117 -10.28 18.28 15.81
CA LEU C 117 -11.23 17.91 14.74
C LEU C 117 -10.62 18.06 13.34
N HIS C 118 -9.89 19.16 13.08
CA HIS C 118 -9.10 19.29 11.85
C HIS C 118 -8.20 18.06 11.67
N VAL C 119 -7.52 17.67 12.74
CA VAL C 119 -6.52 16.62 12.71
C VAL C 119 -7.17 15.26 12.41
N ALA C 120 -8.21 14.94 13.16
CA ALA C 120 -8.97 13.70 12.97
C ALA C 120 -9.56 13.61 11.56
N ALA C 121 -10.07 14.74 11.06
CA ALA C 121 -10.64 14.82 9.71
C ALA C 121 -9.58 14.48 8.64
N PHE C 122 -8.40 15.08 8.75
CA PHE C 122 -7.33 14.83 7.77
C PHE C 122 -6.80 13.39 7.74
N TYR C 123 -6.57 12.84 8.93
CA TYR C 123 -5.99 11.52 9.02
C TYR C 123 -7.03 10.41 8.98
N GLY C 124 -8.29 10.81 8.76
CA GLY C 124 -9.38 9.90 8.45
C GLY C 124 -9.85 9.03 9.60
N HIS C 125 -9.86 9.59 10.81
CA HIS C 125 -10.25 8.82 11.97
C HIS C 125 -11.71 9.13 12.30
N LEU C 126 -12.61 8.38 11.66
CA LEU C 126 -14.04 8.64 11.74
C LEU C 126 -14.60 8.59 13.16
N GLU C 127 -14.28 7.54 13.92
CA GLU C 127 -14.81 7.39 15.27
C GLU C 127 -14.31 8.46 16.22
N ILE C 128 -13.09 8.94 15.99
CA ILE C 128 -12.55 10.06 16.77
C ILE C 128 -13.28 11.36 16.45
N VAL C 129 -13.52 11.60 15.16
CA VAL C 129 -14.34 12.74 14.71
C VAL C 129 -15.69 12.72 15.44
N GLU C 130 -16.32 11.55 15.46
CA GLU C 130 -17.63 11.40 16.11
C GLU C 130 -17.57 11.69 17.61
N VAL C 131 -16.55 11.17 18.28
CA VAL C 131 -16.35 11.41 19.71
C VAL C 131 -16.05 12.89 20.00
N LEU C 132 -15.29 13.52 19.11
CA LEU C 132 -14.98 14.95 19.25
C LEU C 132 -16.24 15.81 19.11
N LEU C 133 -17.07 15.48 18.13
CA LEU C 133 -18.33 16.19 17.90
C LEU C 133 -19.26 16.10 19.10
N LYS C 134 -19.37 14.90 19.66
CA LYS C 134 -20.18 14.65 20.85
C LYS C 134 -19.69 15.50 22.02
N ALA C 135 -18.38 15.74 22.07
CA ALA C 135 -17.77 16.54 23.13
C ALA C 135 -17.77 18.04 22.84
N GLY C 136 -18.40 18.45 21.74
CA GLY C 136 -18.60 19.86 21.43
C GLY C 136 -17.56 20.49 20.53
N ALA C 137 -16.85 19.67 19.76
CA ALA C 137 -15.90 20.14 18.74
C ALA C 137 -16.57 21.11 17.78
N ASP C 138 -15.85 22.16 17.42
CA ASP C 138 -16.39 23.25 16.61
C ASP C 138 -16.24 22.94 15.13
N VAL C 139 -17.36 22.64 14.47
CA VAL C 139 -17.34 22.32 13.02
C VAL C 139 -16.97 23.51 12.15
N ASN C 140 -17.12 24.72 12.69
CA ASN C 140 -16.82 25.95 11.96
C ASN C 140 -15.43 26.50 12.23
N ALA C 141 -14.62 25.73 12.95
CA ALA C 141 -13.26 26.16 13.27
C ALA C 141 -12.42 26.18 12.00
N GLN C 142 -11.66 27.26 11.83
CA GLN C 142 -10.79 27.41 10.66
C GLN C 142 -9.33 27.18 11.01
N ASP C 143 -8.60 26.50 10.13
CA ASP C 143 -7.16 26.40 10.27
C ASP C 143 -6.48 27.69 9.79
N LYS C 144 -5.14 27.68 9.76
CA LYS C 144 -4.32 28.83 9.35
C LYS C 144 -4.65 29.34 7.94
N PHE C 145 -5.06 28.43 7.07
CA PHE C 145 -5.32 28.77 5.68
C PHE C 145 -6.83 28.93 5.41
N GLY C 146 -7.62 28.94 6.47
CA GLY C 146 -9.05 29.21 6.39
C GLY C 146 -9.99 28.02 6.19
N LYS C 147 -9.46 26.80 6.29
CA LYS C 147 -10.26 25.58 6.03
C LYS C 147 -10.93 25.05 7.28
N THR C 148 -12.16 24.57 7.13
CA THR C 148 -12.88 23.89 8.20
C THR C 148 -12.48 22.40 8.21
N PRO C 149 -12.86 21.66 9.27
CA PRO C 149 -12.58 20.21 9.27
C PRO C 149 -13.27 19.48 8.09
N ALA C 150 -14.48 19.91 7.74
CA ALA C 150 -15.17 19.38 6.56
C ALA C 150 -14.37 19.61 5.28
N ASP C 151 -13.84 20.83 5.12
CA ASP C 151 -12.99 21.18 3.98
C ASP C 151 -11.78 20.26 3.90
N ILE C 152 -11.15 20.06 5.06
CA ILE C 152 -9.92 19.28 5.16
C ILE C 152 -10.17 17.80 4.83
N ALA C 153 -11.25 17.24 5.37
CA ALA C 153 -11.64 15.86 5.10
C ALA C 153 -11.91 15.63 3.60
N ALA C 154 -12.70 16.53 3.01
CA ALA C 154 -13.09 16.44 1.61
C ALA C 154 -11.87 16.54 0.68
N ASP C 155 -10.94 17.43 1.03
CA ASP C 155 -9.73 17.62 0.23
C ASP C 155 -8.74 16.44 0.33
N ASN C 156 -8.86 15.62 1.37
CA ASN C 156 -7.98 14.44 1.52
C ASN C 156 -8.72 13.12 1.27
N GLY C 157 -9.77 13.17 0.45
CA GLY C 157 -10.50 11.99 0.02
C GLY C 157 -11.31 11.25 1.08
N HIS C 158 -11.54 11.87 2.25
CA HIS C 158 -12.35 11.22 3.29
C HIS C 158 -13.81 11.67 3.23
N GLU C 159 -14.51 11.12 2.24
CA GLU C 159 -15.87 11.53 1.90
C GLU C 159 -16.88 11.25 3.00
N ASP C 160 -16.74 10.11 3.67
CA ASP C 160 -17.61 9.76 4.78
C ASP C 160 -17.57 10.79 5.92
N ILE C 161 -16.35 11.14 6.35
CA ILE C 161 -16.16 12.14 7.41
C ILE C 161 -16.69 13.50 6.97
N ALA C 162 -16.36 13.90 5.75
CA ALA C 162 -16.78 15.19 5.22
C ALA C 162 -18.31 15.32 5.24
N GLU C 163 -19.01 14.24 4.91
CA GLU C 163 -20.48 14.24 4.91
C GLU C 163 -21.09 14.30 6.31
N VAL C 164 -20.49 13.57 7.25
CA VAL C 164 -20.88 13.68 8.67
C VAL C 164 -20.74 15.13 9.15
N LEU C 165 -19.68 15.79 8.72
CA LEU C 165 -19.41 17.17 9.11
C LEU C 165 -20.31 18.19 8.40
N GLN C 166 -20.45 18.05 7.09
CA GLN C 166 -21.23 18.98 6.25
C GLN C 166 -22.72 19.08 6.63
N LYS C 167 -23.24 18.03 7.24
CA LYS C 167 -24.65 18.00 7.66
C LYS C 167 -24.92 18.78 8.96
N LEU C 168 -23.86 19.25 9.61
CA LEU C 168 -23.99 19.95 10.89
C LEU C 168 -23.95 21.49 10.75
N CYS D 4 7.03 31.05 12.64
CA CYS D 4 8.20 30.87 11.75
C CYS D 4 9.42 30.39 12.53
N ASP D 5 9.94 31.26 13.40
CA ASP D 5 11.13 31.00 14.20
C ASP D 5 11.05 29.70 15.02
N ILE D 6 10.01 29.56 15.83
CA ILE D 6 9.95 28.41 16.75
C ILE D 6 9.62 27.11 16.05
N THR D 7 8.77 27.18 15.03
CA THR D 7 8.41 26.00 14.22
C THR D 7 9.67 25.40 13.60
N LEU D 8 10.47 26.23 12.93
CA LEU D 8 11.69 25.75 12.28
C LEU D 8 12.68 25.15 13.27
N GLN D 9 12.77 25.74 14.46
CA GLN D 9 13.60 25.21 15.54
C GLN D 9 13.26 23.75 15.86
N GLU D 10 11.98 23.48 16.05
CA GLU D 10 11.51 22.15 16.40
C GLU D 10 11.63 21.13 15.27
N ILE D 11 11.35 21.58 14.05
CA ILE D 11 11.57 20.75 12.87
C ILE D 11 13.02 20.28 12.78
N ILE D 12 13.96 21.20 12.98
CA ILE D 12 15.39 20.90 12.90
C ILE D 12 15.79 19.91 13.98
N LYS D 13 15.30 20.12 15.20
CA LYS D 13 15.52 19.21 16.32
C LYS D 13 15.02 17.79 16.03
N THR D 14 13.81 17.69 15.49
CA THR D 14 13.26 16.40 15.07
C THR D 14 14.13 15.74 13.98
N LEU D 15 14.53 16.52 12.98
CA LEU D 15 15.38 16.02 11.89
C LEU D 15 16.75 15.57 12.39
N ASN D 16 17.30 16.32 13.35
CA ASN D 16 18.51 15.91 14.07
C ASN D 16 18.36 14.55 14.74
N SER D 17 17.25 14.35 15.44
CA SER D 17 16.95 13.06 16.04
C SER D 17 16.82 11.96 14.99
N LEU D 18 16.23 12.32 13.85
CA LEU D 18 16.03 11.35 12.77
C LEU D 18 17.33 10.85 12.14
N THR D 19 18.19 11.79 11.72
CA THR D 19 19.48 11.43 11.10
C THR D 19 20.48 10.76 12.08
N GLU D 20 20.29 10.96 13.38
CA GLU D 20 21.16 10.29 14.35
C GLU D 20 20.78 8.82 14.61
N GLN D 21 19.56 8.44 14.24
CA GLN D 21 19.08 7.07 14.43
C GLN D 21 19.76 6.05 13.49
N LYS D 22 20.14 4.91 14.07
CA LYS D 22 20.77 3.84 13.28
C LYS D 22 19.78 2.68 13.11
N THR D 23 19.09 2.66 11.97
CA THR D 23 18.09 1.65 11.68
C THR D 23 18.09 1.25 10.21
N LEU D 24 17.62 0.03 9.95
CA LEU D 24 17.68 -0.60 8.63
C LEU D 24 17.01 0.18 7.50
N CYS D 25 15.81 0.68 7.77
CA CYS D 25 14.94 1.13 6.68
C CYS D 25 15.06 2.60 6.27
N THR D 26 16.00 3.33 6.86
CA THR D 26 16.36 4.66 6.34
C THR D 26 17.10 4.51 5.00
N GLU D 27 17.49 3.27 4.68
CA GLU D 27 18.06 2.94 3.36
C GLU D 27 16.99 2.71 2.27
N LEU D 28 15.73 2.59 2.68
CA LEU D 28 14.61 2.52 1.72
C LEU D 28 14.46 3.85 0.98
N THR D 29 14.05 3.78 -0.28
CA THR D 29 13.95 4.98 -1.11
C THR D 29 12.57 5.63 -1.11
N VAL D 30 12.55 6.96 -1.25
CA VAL D 30 11.34 7.74 -1.42
C VAL D 30 11.51 8.70 -2.60
N THR D 31 10.42 9.31 -3.04
CA THR D 31 10.45 10.28 -4.11
C THR D 31 11.21 11.54 -3.69
N ASP D 32 12.24 11.87 -4.48
CA ASP D 32 13.05 13.07 -4.25
C ASP D 32 12.30 14.32 -4.73
N ILE D 33 11.38 14.80 -3.91
CA ILE D 33 10.53 15.95 -4.27
C ILE D 33 11.32 17.24 -4.46
N PHE D 34 12.53 17.32 -3.91
CA PHE D 34 13.36 18.51 -4.02
C PHE D 34 13.95 18.71 -5.43
N ALA D 35 14.05 17.62 -6.18
CA ALA D 35 14.43 17.68 -7.60
C ALA D 35 13.28 18.21 -8.46
N ALA D 36 12.06 18.13 -7.93
CA ALA D 36 10.87 18.64 -8.61
C ALA D 36 10.52 20.05 -8.17
N SER D 37 11.36 20.62 -7.29
CA SER D 37 11.16 21.98 -6.79
C SER D 37 11.88 23.00 -7.66
N LYS D 38 11.45 23.09 -8.92
CA LYS D 38 12.00 24.05 -9.87
C LYS D 38 11.70 25.48 -9.41
N ASN D 39 10.41 25.82 -9.43
CA ASN D 39 9.94 27.11 -8.91
C ASN D 39 8.56 27.01 -8.28
N THR D 40 8.44 26.10 -7.31
CA THR D 40 7.20 25.93 -6.57
C THR D 40 7.28 26.73 -5.29
N THR D 41 6.12 27.09 -4.73
CA THR D 41 6.08 27.89 -3.51
C THR D 41 6.62 27.13 -2.29
N GLU D 42 7.00 27.89 -1.26
CA GLU D 42 7.46 27.33 0.01
C GLU D 42 6.44 26.34 0.56
N LYS D 43 5.18 26.78 0.65
CA LYS D 43 4.08 25.95 1.13
C LYS D 43 3.92 24.64 0.33
N GLU D 44 4.05 24.72 -0.99
CA GLU D 44 3.91 23.54 -1.86
C GLU D 44 5.05 22.54 -1.70
N THR D 45 6.28 23.02 -1.64
CA THR D 45 7.46 22.15 -1.43
C THR D 45 7.32 21.37 -0.13
N PHE D 46 6.91 22.06 0.92
CA PHE D 46 6.81 21.45 2.25
C PHE D 46 5.67 20.44 2.34
N CYS D 47 4.57 20.75 1.66
CA CYS D 47 3.45 19.84 1.56
C CYS D 47 3.84 18.56 0.81
N ARG D 48 4.56 18.72 -0.29
CA ARG D 48 5.08 17.59 -1.05
C ARG D 48 6.04 16.74 -0.23
N ALA D 49 6.89 17.39 0.56
CA ALA D 49 7.75 16.69 1.51
C ALA D 49 6.93 15.88 2.51
N ALA D 50 5.97 16.54 3.16
CA ALA D 50 5.15 15.92 4.20
C ALA D 50 4.36 14.74 3.65
N THR D 51 3.85 14.90 2.42
CA THR D 51 3.10 13.85 1.73
C THR D 51 3.94 12.57 1.54
N VAL D 52 5.19 12.73 1.08
CA VAL D 52 6.04 11.55 0.93
C VAL D 52 6.40 10.91 2.27
N LEU D 53 6.61 11.74 3.29
CA LEU D 53 6.94 11.26 4.63
C LEU D 53 5.78 10.46 5.22
N ARG D 54 4.58 11.00 5.06
CA ARG D 54 3.32 10.36 5.46
C ARG D 54 3.17 9.02 4.76
N GLN D 55 3.38 9.03 3.44
CA GLN D 55 3.37 7.82 2.62
C GLN D 55 4.31 6.76 3.16
N PHE D 56 5.54 7.17 3.48
CA PHE D 56 6.54 6.26 4.04
C PHE D 56 6.12 5.64 5.37
N TYR D 57 5.76 6.46 6.36
CA TYR D 57 5.46 5.89 7.67
C TYR D 57 4.14 5.10 7.68
N SER D 58 3.22 5.47 6.80
CA SER D 58 1.97 4.73 6.63
C SER D 58 2.23 3.37 5.99
N HIS D 59 2.99 3.37 4.90
CA HIS D 59 3.27 2.14 4.14
C HIS D 59 4.31 1.23 4.78
N HIS D 60 5.18 1.78 5.64
CA HIS D 60 6.26 0.98 6.23
C HIS D 60 6.22 0.79 7.75
N GLU D 61 5.18 1.30 8.41
CA GLU D 61 5.03 1.14 9.85
C GLU D 61 4.95 -0.34 10.23
N LYS D 62 4.22 -1.11 9.42
CA LYS D 62 3.97 -2.53 9.64
C LYS D 62 4.86 -3.43 8.76
N ASP D 63 5.86 -2.81 8.14
CA ASP D 63 6.82 -3.52 7.29
C ASP D 63 7.62 -4.53 8.12
N THR D 64 7.38 -5.82 7.86
CA THR D 64 7.99 -6.90 8.64
C THR D 64 9.52 -7.01 8.46
N ARG D 65 10.03 -6.62 7.29
CA ARG D 65 11.48 -6.59 7.07
C ARG D 65 12.13 -5.53 7.96
N CYS D 66 11.51 -4.36 8.02
CA CYS D 66 11.99 -3.27 8.85
C CYS D 66 11.93 -3.61 10.35
N LEU D 67 10.84 -4.25 10.76
CA LEU D 67 10.60 -4.59 12.15
C LEU D 67 11.48 -5.74 12.63
N GLY D 68 11.81 -6.63 11.70
CA GLY D 68 12.62 -7.81 12.01
C GLY D 68 11.90 -8.72 12.98
N ALA D 69 12.66 -9.33 13.89
CA ALA D 69 12.09 -10.16 14.95
C ALA D 69 13.04 -10.30 16.14
N THR D 70 14.08 -9.46 16.20
CA THR D 70 15.06 -9.49 17.27
C THR D 70 14.43 -9.10 18.61
N ALA D 71 13.96 -7.85 18.69
CA ALA D 71 13.32 -7.25 19.88
C ALA D 71 13.72 -5.78 19.94
N GLN D 72 15.03 -5.53 19.92
CA GLN D 72 15.57 -4.20 19.77
C GLN D 72 15.30 -3.68 18.35
N GLN D 73 15.18 -4.61 17.41
CA GLN D 73 14.88 -4.30 16.00
C GLN D 73 13.47 -3.73 15.84
N PHE D 74 12.50 -4.34 16.50
CA PHE D 74 11.11 -3.88 16.48
C PHE D 74 11.05 -2.45 17.01
N HIS D 75 11.67 -2.23 18.16
CA HIS D 75 11.74 -0.92 18.78
C HIS D 75 12.48 0.10 17.90
N ARG D 76 13.60 -0.32 17.28
CA ARG D 76 14.40 0.58 16.45
C ARG D 76 13.57 1.14 15.30
N HIS D 77 12.83 0.28 14.61
CA HIS D 77 11.97 0.75 13.52
C HIS D 77 10.81 1.59 14.04
N LYS D 78 10.20 1.15 15.13
CA LYS D 78 9.11 1.87 15.79
C LYS D 78 9.47 3.30 16.12
N GLN D 79 10.68 3.50 16.66
CA GLN D 79 11.21 4.82 16.97
C GLN D 79 11.34 5.71 15.73
N LEU D 80 11.85 5.14 14.64
CA LEU D 80 11.94 5.86 13.37
C LEU D 80 10.56 6.34 12.94
N ILE D 81 9.61 5.42 12.93
CA ILE D 81 8.21 5.74 12.59
C ILE D 81 7.66 6.88 13.45
N ARG D 82 7.88 6.77 14.77
CA ARG D 82 7.33 7.76 15.72
C ARG D 82 7.89 9.15 15.48
N PHE D 83 9.18 9.21 15.16
CA PHE D 83 9.84 10.48 14.83
C PHE D 83 9.49 11.00 13.43
N LEU D 84 9.16 10.10 12.51
CA LEU D 84 8.64 10.54 11.22
C LEU D 84 7.25 11.18 11.38
N LYS D 85 6.43 10.60 12.27
CA LYS D 85 5.11 11.16 12.55
C LYS D 85 5.23 12.50 13.26
N ARG D 86 6.20 12.58 14.17
CA ARG D 86 6.52 13.84 14.85
C ARG D 86 6.89 14.93 13.83
N LEU D 87 7.69 14.57 12.82
CA LEU D 87 8.09 15.49 11.77
C LEU D 87 6.88 15.96 10.96
N ASP D 88 6.00 15.03 10.61
CA ASP D 88 4.78 15.37 9.91
C ASP D 88 4.02 16.44 10.70
N ARG D 89 3.82 16.18 11.99
CA ARG D 89 3.12 17.10 12.87
C ARG D 89 3.81 18.47 12.94
N ASN D 90 5.16 18.44 13.03
CA ASN D 90 5.98 19.66 13.03
C ASN D 90 5.73 20.52 11.79
N LEU D 91 5.43 19.85 10.68
CA LEU D 91 5.23 20.52 9.40
C LEU D 91 3.82 21.06 9.17
N TRP D 92 2.88 20.79 10.09
CA TRP D 92 1.50 21.26 9.90
C TRP D 92 1.46 22.77 9.71
N GLY D 93 2.33 23.46 10.43
CA GLY D 93 2.40 24.92 10.40
C GLY D 93 2.96 25.50 9.11
N LEU D 94 3.69 24.70 8.35
CA LEU D 94 4.27 25.16 7.07
C LEU D 94 3.54 24.60 5.86
N ALA D 95 3.14 23.33 5.96
CA ALA D 95 2.53 22.61 4.84
C ALA D 95 1.00 22.63 4.87
N GLY D 96 0.44 22.74 6.07
CA GLY D 96 -0.99 22.59 6.27
C GLY D 96 -1.37 21.12 6.29
N LEU D 97 -2.62 20.87 6.63
CA LEU D 97 -3.17 19.52 6.56
C LEU D 97 -3.66 19.28 5.13
N ASN D 98 -2.70 19.06 4.24
CA ASN D 98 -2.92 18.90 2.80
C ASN D 98 -2.06 17.76 2.26
N SER D 99 -2.57 17.04 1.26
CA SER D 99 -1.78 16.08 0.50
C SER D 99 -1.41 16.68 -0.85
N CYS D 100 -0.11 16.68 -1.17
CA CYS D 100 0.37 17.24 -2.43
C CYS D 100 1.23 16.22 -3.17
N PRO D 101 0.63 15.44 -4.08
CA PRO D 101 1.41 14.42 -4.81
C PRO D 101 2.23 15.02 -5.95
N VAL D 102 3.27 14.31 -6.38
CA VAL D 102 4.11 14.72 -7.51
C VAL D 102 4.34 13.59 -8.51
N LYS D 103 4.75 13.96 -9.71
CA LYS D 103 5.04 13.00 -10.77
C LYS D 103 6.52 12.58 -10.79
N GLU D 104 7.35 13.35 -10.09
CA GLU D 104 8.81 13.12 -10.04
C GLU D 104 9.20 11.65 -9.89
N ALA D 105 10.06 11.16 -10.78
CA ALA D 105 10.54 9.79 -10.72
C ALA D 105 11.82 9.61 -9.90
N ASN D 106 12.61 10.67 -9.79
CA ASN D 106 13.85 10.64 -8.99
C ASN D 106 13.58 10.12 -7.58
N GLN D 107 14.41 9.19 -7.14
CA GLN D 107 14.30 8.60 -5.81
C GLN D 107 15.58 8.88 -5.02
N SER D 108 15.42 9.08 -3.71
CA SER D 108 16.56 9.13 -2.81
C SER D 108 16.29 8.18 -1.65
N THR D 109 17.33 7.78 -0.93
CA THR D 109 17.12 7.05 0.32
C THR D 109 16.38 8.00 1.27
N LEU D 110 15.58 7.44 2.17
CA LEU D 110 14.97 8.25 3.21
C LEU D 110 16.03 9.07 3.95
N GLU D 111 17.17 8.45 4.25
CA GLU D 111 18.25 9.14 4.95
C GLU D 111 18.65 10.40 4.20
N ASN D 112 18.93 10.26 2.90
CA ASN D 112 19.34 11.42 2.10
C ASN D 112 18.25 12.47 1.94
N PHE D 113 17.00 12.01 1.90
CA PHE D 113 15.85 12.89 1.83
C PHE D 113 15.76 13.81 3.04
N LEU D 114 15.87 13.21 4.23
CA LEU D 114 15.81 13.93 5.49
C LEU D 114 16.98 14.88 5.67
N GLU D 115 18.15 14.46 5.20
CA GLU D 115 19.35 15.32 5.25
C GLU D 115 19.19 16.55 4.36
N ARG D 116 18.66 16.34 3.15
CA ARG D 116 18.36 17.47 2.25
C ARG D 116 17.31 18.38 2.87
N LEU D 117 16.27 17.79 3.48
CA LEU D 117 15.23 18.57 4.16
C LEU D 117 15.81 19.43 5.29
N LYS D 118 16.75 18.85 6.04
CA LYS D 118 17.34 19.53 7.18
C LYS D 118 18.10 20.79 6.73
N THR D 119 18.85 20.68 5.64
CA THR D 119 19.63 21.81 5.12
C THR D 119 18.71 22.95 4.66
N ILE D 120 17.63 22.59 3.96
CA ILE D 120 16.62 23.56 3.54
C ILE D 120 15.98 24.28 4.72
N MET D 121 15.62 23.53 5.76
CA MET D 121 15.03 24.12 6.98
C MET D 121 15.99 25.06 7.70
N ARG D 122 17.26 24.66 7.80
CA ARG D 122 18.30 25.48 8.41
C ARG D 122 18.51 26.80 7.66
N GLU D 123 18.53 26.72 6.33
CA GLU D 123 18.67 27.93 5.50
C GLU D 123 17.47 28.86 5.66
N LYS D 124 16.28 28.28 5.79
CA LYS D 124 15.08 29.08 6.06
C LYS D 124 15.09 29.73 7.45
N TYR D 125 15.60 29.00 8.43
CA TYR D 125 15.67 29.50 9.81
C TYR D 125 16.60 30.70 9.96
N SER D 126 17.74 30.67 9.27
CA SER D 126 18.73 31.75 9.37
C SER D 126 18.33 33.01 8.59
N LYS D 127 17.30 32.87 7.75
CA LYS D 127 16.86 33.92 6.84
C LYS D 127 16.19 35.09 7.57
C1 GOL E . 9.10 -1.18 -27.97
O1 GOL E . 9.92 -0.52 -28.91
C2 GOL E . 7.84 -0.38 -27.70
O2 GOL E . 7.14 -0.08 -28.89
C3 GOL E . 6.94 -1.20 -26.82
O3 GOL E . 6.62 -0.45 -25.68
C1 GOL F . 7.51 -4.95 -41.55
O1 GOL F . 7.94 -6.18 -42.06
C2 GOL F . 7.14 -5.13 -40.09
O2 GOL F . 8.23 -5.73 -39.42
C3 GOL F . 6.82 -3.77 -39.47
O3 GOL F . 6.00 -3.95 -38.34
C ACT G . -3.42 4.79 42.32
O ACT G . -3.83 4.30 41.25
OXT ACT G . -4.15 5.67 42.83
CH3 ACT G . -2.14 4.35 42.96
#